data_3MK2
#
_entry.id   3MK2
#
_cell.length_a   87.791
_cell.length_b   114.944
_cell.length_c   106.341
_cell.angle_alpha   90.00
_cell.angle_beta   90.00
_cell.angle_gamma   90.00
#
_symmetry.space_group_name_H-M   'C 2 2 21'
#
loop_
_entity.id
_entity.type
_entity.pdbx_description
1 polymer 'Alkaline phosphatase, placental type'
2 branched 2-acetamido-2-deoxy-beta-D-glucopyranose-(1-4)-2-acetamido-2-deoxy-beta-D-glucopyranose
3 non-polymer PHENYLALANINE
4 non-polymer 'ZINC ION'
5 non-polymer 'MAGNESIUM ION'
6 non-polymer 'CALCIUM ION'
7 non-polymer 'ACETATE ION'
8 non-polymer GLYCEROL
9 water water
#
_entity_poly.entity_id   1
_entity_poly.type   'polypeptide(L)'
_entity_poly.pdbx_seq_one_letter_code
;IIPVEEENPDFWNREAAEALGAAKKLQPAQTAAKNLIIFLGDGMGVSTVTAARILKGQKKDKLGPEIPLAMDRFPYVALS
KTYNVDKHVPD(SEP)GATATAYLCGVKGNFQTIGLSAAARFNQCNTTRGNEVISVMNRAKKAGKSVGVVTTTRVQHASP
AGTYAHTVNRNWYSDADVPASARQEGCQDIATQLISNMDIDVILGGGRKYMFRMGTPDPEYPDDYSQGGTRLDGKNLVQE
WLAKRQGARYVWNRTELMQASLDPSVTHLMGLFEPGDMKYEIHRDSTLDPSLMEMTEAALRLLSRNPRGFFLFVEGGRID
HGHHESRAYRALTETIMFDDAIERAGQLTSEEDTLSLVTADHSHVFSFGGYPLRGSSIFGLAPGKARDRKAYTVLLYGNG
PGYVLKDGARPDVTESESGSPEYRQQSAVPLDEETHAGEDVAVFARGPQAHLVHGVQEQTFIAHVMAFAACLEPYTACDL
APPAGTTD
;
_entity_poly.pdbx_strand_id   A
#
loop_
_chem_comp.id
_chem_comp.type
_chem_comp.name
_chem_comp.formula
ACT non-polymer 'ACETATE ION' 'C2 H3 O2 -1'
CA non-polymer 'CALCIUM ION' 'Ca 2'
GOL non-polymer GLYCEROL 'C3 H8 O3'
MG non-polymer 'MAGNESIUM ION' 'Mg 2'
NAG D-saccharide, beta linking 2-acetamido-2-deoxy-beta-D-glucopyranose 'C8 H15 N O6'
ZN non-polymer 'ZINC ION' 'Zn 2'
#
# COMPACT_ATOMS: atom_id res chain seq x y z
N ILE A 1 -4.19 18.59 -27.20
CA ILE A 1 -4.88 18.18 -28.48
C ILE A 1 -6.33 17.67 -28.27
N ILE A 2 -7.19 17.95 -29.25
CA ILE A 2 -8.58 17.52 -29.21
C ILE A 2 -8.78 16.25 -30.03
N PRO A 3 -9.05 15.11 -29.36
CA PRO A 3 -9.32 13.87 -30.11
C PRO A 3 -10.61 13.99 -30.93
N VAL A 4 -10.52 13.74 -32.23
CA VAL A 4 -11.64 13.98 -33.14
C VAL A 4 -12.92 13.23 -32.72
N GLU A 5 -12.76 11.96 -32.34
CA GLU A 5 -13.91 11.14 -31.97
C GLU A 5 -14.75 11.77 -30.85
N GLU A 6 -14.08 12.50 -29.96
CA GLU A 6 -14.75 13.16 -28.82
C GLU A 6 -15.52 14.45 -29.16
N GLU A 7 -15.33 14.95 -30.37
CA GLU A 7 -16.05 16.13 -30.84
C GLU A 7 -17.50 15.83 -31.17
N ASN A 8 -17.82 14.56 -31.33
CA ASN A 8 -19.16 14.12 -31.66
C ASN A 8 -19.93 13.78 -30.37
N PRO A 9 -21.09 14.43 -30.13
CA PRO A 9 -21.87 14.08 -28.91
C PRO A 9 -22.17 12.59 -28.79
N ASP A 10 -22.38 11.91 -29.92
CA ASP A 10 -22.66 10.46 -29.92
C ASP A 10 -21.60 9.67 -29.17
N PHE A 11 -20.35 10.13 -29.23
CA PHE A 11 -19.26 9.44 -28.52
C PHE A 11 -19.59 9.40 -27.03
N TRP A 12 -19.93 10.57 -26.50
CA TRP A 12 -20.27 10.72 -25.10
C TRP A 12 -21.59 10.04 -24.76
N ASN A 13 -22.57 10.15 -25.64
CA ASN A 13 -23.86 9.53 -25.41
C ASN A 13 -23.80 8.01 -25.40
N ARG A 14 -23.03 7.44 -26.33
CA ARG A 14 -22.80 6.00 -26.37
C ARG A 14 -22.08 5.51 -25.09
N GLU A 15 -21.02 6.21 -24.70
CA GLU A 15 -20.25 5.86 -23.52
C GLU A 15 -21.14 5.86 -22.29
N ALA A 16 -21.97 6.89 -22.17
CA ALA A 16 -22.87 7.03 -21.02
C ALA A 16 -23.97 5.98 -21.05
N ALA A 17 -24.53 5.71 -22.23
CA ALA A 17 -25.50 4.64 -22.38
C ALA A 17 -24.91 3.31 -21.94
N GLU A 18 -23.67 3.04 -22.33
CA GLU A 18 -22.98 1.82 -21.90
C GLU A 18 -22.75 1.78 -20.39
N ALA A 19 -22.32 2.91 -19.83
CA ALA A 19 -22.16 3.05 -18.39
C ALA A 19 -23.47 2.81 -17.66
N LEU A 20 -24.58 3.36 -18.18
CA LEU A 20 -25.89 3.10 -17.56
C LEU A 20 -26.24 1.62 -17.60
N GLY A 21 -25.99 0.99 -18.75
CA GLY A 21 -26.25 -0.45 -18.93
C GLY A 21 -25.48 -1.25 -17.91
N ALA A 22 -24.19 -0.94 -17.77
CA ALA A 22 -23.34 -1.63 -16.80
C ALA A 22 -23.83 -1.41 -15.36
N ALA A 23 -24.17 -0.16 -15.05
CA ALA A 23 -24.68 0.19 -13.72
C ALA A 23 -25.92 -0.62 -13.37
N LYS A 24 -26.81 -0.76 -14.35
CA LYS A 24 -28.08 -1.47 -14.15
C LYS A 24 -27.87 -2.96 -13.93
N LYS A 25 -26.78 -3.50 -14.48
CA LYS A 25 -26.50 -4.94 -14.41
C LYS A 25 -25.90 -5.36 -13.06
N LEU A 26 -25.37 -4.39 -12.31
CA LEU A 26 -24.83 -4.68 -10.99
C LEU A 26 -25.87 -5.28 -10.06
N GLN A 27 -25.51 -6.40 -9.45
CA GLN A 27 -26.38 -7.11 -8.52
C GLN A 27 -25.55 -7.52 -7.32
N PRO A 28 -26.08 -7.32 -6.11
CA PRO A 28 -25.38 -7.78 -4.90
C PRO A 28 -25.34 -9.31 -4.81
N ALA A 29 -24.23 -9.85 -4.31
CA ALA A 29 -24.11 -11.29 -4.05
C ALA A 29 -24.87 -11.65 -2.78
N GLN A 30 -25.41 -12.87 -2.76
CA GLN A 30 -26.03 -13.40 -1.55
C GLN A 30 -25.03 -14.34 -0.84
N THR A 31 -23.83 -14.43 -1.41
CA THR A 31 -22.81 -15.38 -0.97
C THR A 31 -21.62 -14.68 -0.34
N ALA A 32 -20.92 -15.41 0.51
CA ALA A 32 -19.74 -14.95 1.22
C ALA A 32 -18.53 -14.87 0.31
N ALA A 33 -17.51 -14.15 0.77
CA ALA A 33 -16.20 -14.15 0.13
C ALA A 33 -15.36 -15.33 0.68
N LYS A 34 -14.83 -16.13 -0.22
CA LYS A 34 -13.85 -17.16 0.14
C LYS A 34 -12.50 -16.49 0.43
N ASN A 35 -12.16 -15.51 -0.41
CA ASN A 35 -10.87 -14.84 -0.33
C ASN A 35 -11.06 -13.36 -0.10
N LEU A 36 -10.09 -12.75 0.57
CA LEU A 36 -10.10 -11.32 0.84
C LEU A 36 -8.79 -10.75 0.40
N ILE A 37 -8.82 -9.67 -0.37
CA ILE A 37 -7.61 -8.97 -0.71
C ILE A 37 -7.80 -7.50 -0.43
N ILE A 38 -6.85 -6.92 0.28
CA ILE A 38 -6.79 -5.49 0.40
C ILE A 38 -5.52 -4.97 -0.27
N PHE A 39 -5.72 -4.08 -1.25
CA PHE A 39 -4.63 -3.43 -1.94
C PHE A 39 -4.55 -2.03 -1.35
N LEU A 40 -3.44 -1.75 -0.71
CA LEU A 40 -3.25 -0.48 -0.01
C LEU A 40 -2.19 0.33 -0.74
N GLY A 41 -2.63 1.46 -1.32
CA GLY A 41 -1.72 2.41 -1.97
C GLY A 41 -1.35 3.42 -0.92
N ASP A 42 -0.13 3.33 -0.40
CA ASP A 42 0.21 4.19 0.72
C ASP A 42 0.36 5.60 0.21
N GLY A 43 -0.47 6.51 0.69
CA GLY A 43 -0.40 7.90 0.26
C GLY A 43 -1.18 8.18 -1.03
N MET A 44 -1.88 7.17 -1.52
CA MET A 44 -2.55 7.25 -2.82
C MET A 44 -3.93 7.92 -2.75
N GLY A 45 -3.93 9.23 -2.52
CA GLY A 45 -5.15 10.02 -2.52
C GLY A 45 -5.72 10.22 -3.91
N VAL A 46 -6.85 10.91 -3.96
CA VAL A 46 -7.61 11.07 -5.18
C VAL A 46 -6.76 11.77 -6.25
N SER A 47 -5.99 12.80 -5.86
CA SER A 47 -5.13 13.51 -6.83
C SER A 47 -4.03 12.59 -7.35
N THR A 48 -3.55 11.67 -6.51
CA THR A 48 -2.57 10.65 -6.95
C THR A 48 -3.17 9.70 -7.96
N VAL A 49 -4.37 9.22 -7.67
CA VAL A 49 -5.08 8.33 -8.60
C VAL A 49 -5.23 8.98 -9.97
N THR A 50 -5.74 10.21 -10.01
CA THR A 50 -5.99 10.86 -11.31
C THR A 50 -4.69 11.10 -12.05
N ALA A 51 -3.68 11.62 -11.35
CA ALA A 51 -2.41 11.90 -12.02
C ALA A 51 -1.77 10.60 -12.52
N ALA A 52 -1.85 9.54 -11.74
CA ALA A 52 -1.36 8.22 -12.17
C ALA A 52 -2.12 7.67 -13.37
N ARG A 53 -3.45 7.83 -13.36
CA ARG A 53 -4.28 7.44 -14.50
C ARG A 53 -3.78 8.10 -15.79
N ILE A 54 -3.54 9.41 -15.72
CA ILE A 54 -3.09 10.18 -16.87
C ILE A 54 -1.74 9.67 -17.31
N LEU A 55 -0.82 9.51 -16.37
CA LEU A 55 0.51 9.01 -16.70
C LEU A 55 0.43 7.62 -17.33
N LYS A 56 -0.35 6.72 -16.72
CA LYS A 56 -0.48 5.35 -17.23
C LYS A 56 -1.07 5.34 -18.64
N GLY A 57 -2.07 6.20 -18.85
CA GLY A 57 -2.75 6.32 -20.14
C GLY A 57 -1.76 6.68 -21.20
N GLN A 58 -0.90 7.65 -20.88
CA GLN A 58 0.09 8.15 -21.81
C GLN A 58 1.24 7.19 -22.06
N LYS A 59 1.61 6.41 -21.04
CA LYS A 59 2.61 5.35 -21.19
C LYS A 59 2.11 4.30 -22.18
N LYS A 60 0.80 4.17 -22.27
CA LYS A 60 0.16 3.26 -23.23
C LYS A 60 -0.15 3.97 -24.55
N ASP A 61 0.46 5.14 -24.76
CA ASP A 61 0.27 5.97 -25.97
C ASP A 61 -1.17 6.46 -26.18
N LYS A 62 -1.84 6.80 -25.09
CA LYS A 62 -3.16 7.40 -25.16
C LYS A 62 -3.02 8.81 -24.59
N LEU A 63 -4.10 9.61 -24.64
CA LEU A 63 -4.02 10.98 -24.15
C LEU A 63 -3.89 11.04 -22.63
N GLY A 64 -4.46 10.03 -21.96
CA GLY A 64 -4.29 9.85 -20.52
C GLY A 64 -5.59 9.70 -19.74
N PRO A 65 -6.31 10.81 -19.50
CA PRO A 65 -7.40 10.82 -18.50
C PRO A 65 -8.63 9.93 -18.83
N GLU A 66 -8.77 9.57 -20.11
CA GLU A 66 -9.89 8.72 -20.55
C GLU A 66 -9.62 7.23 -20.35
N ILE A 67 -8.38 6.87 -20.03
CA ILE A 67 -8.01 5.44 -19.90
C ILE A 67 -8.14 4.97 -18.46
N PRO A 68 -9.04 3.98 -18.20
CA PRO A 68 -9.17 3.51 -16.82
C PRO A 68 -7.93 2.80 -16.26
N LEU A 69 -7.59 3.12 -15.02
CA LEU A 69 -6.70 2.28 -14.24
C LEU A 69 -7.45 0.99 -13.96
N ALA A 70 -6.72 -0.07 -13.63
CA ALA A 70 -7.40 -1.30 -13.18
C ALA A 70 -8.33 -1.01 -12.00
N MET A 71 -7.88 -0.16 -11.08
CA MET A 71 -8.75 0.17 -9.93
C MET A 71 -10.03 0.91 -10.34
N ASP A 72 -9.96 1.67 -11.45
CA ASP A 72 -11.10 2.43 -11.94
C ASP A 72 -12.26 1.54 -12.40
N ARG A 73 -11.94 0.28 -12.67
CA ARG A 73 -12.93 -0.67 -13.18
C ARG A 73 -13.72 -1.33 -12.06
N PHE A 74 -13.30 -1.12 -10.82
CA PHE A 74 -14.02 -1.68 -9.69
C PHE A 74 -15.38 -1.02 -9.60
N PRO A 75 -16.44 -1.82 -9.43
CA PRO A 75 -17.79 -1.25 -9.52
C PRO A 75 -18.18 -0.38 -8.34
N TYR A 76 -17.62 -0.64 -7.16
CA TYR A 76 -18.09 0.08 -6.00
C TYR A 76 -17.03 1.00 -5.44
N VAL A 77 -17.43 2.25 -5.26
CA VAL A 77 -16.57 3.27 -4.71
C VAL A 77 -17.20 3.92 -3.48
N ALA A 78 -16.38 4.18 -2.47
CA ALA A 78 -16.78 4.99 -1.34
C ALA A 78 -15.66 5.96 -1.03
N LEU A 79 -16.00 7.00 -0.27
CA LEU A 79 -14.99 7.87 0.32
C LEU A 79 -14.73 7.39 1.73
N SER A 80 -13.46 7.43 2.11
CA SER A 80 -13.02 6.93 3.39
C SER A 80 -12.41 8.05 4.21
N LYS A 81 -12.90 8.24 5.42
CA LYS A 81 -12.40 9.32 6.28
C LYS A 81 -11.22 8.81 7.10
N THR A 82 -10.06 9.44 6.92
CA THR A 82 -8.77 8.86 7.35
C THR A 82 -8.22 9.40 8.68
N TYR A 83 -8.89 10.39 9.24
CA TYR A 83 -8.39 11.02 10.48
C TYR A 83 -8.06 9.96 11.52
N ASN A 84 -6.95 10.17 12.22
CA ASN A 84 -6.66 9.35 13.38
C ASN A 84 -7.40 9.94 14.55
N VAL A 85 -7.50 9.19 15.64
CA VAL A 85 -8.23 9.68 16.80
C VAL A 85 -7.62 11.02 17.27
N ASP A 86 -6.29 11.11 17.29
CA ASP A 86 -5.59 12.28 17.84
C ASP A 86 -5.11 13.33 16.81
N LYS A 87 -5.14 13.01 15.51
CA LYS A 87 -4.63 13.91 14.47
C LYS A 87 -5.54 13.85 13.25
N HIS A 88 -5.87 15.02 12.69
CA HIS A 88 -6.74 15.13 11.50
C HIS A 88 -6.02 14.59 10.29
N VAL A 89 -4.71 14.84 10.22
CA VAL A 89 -3.89 14.31 9.14
C VAL A 89 -3.09 13.14 9.72
N PRO A 90 -3.39 11.92 9.24
CA PRO A 90 -2.95 10.71 9.92
C PRO A 90 -1.59 10.20 9.49
N ASP A 91 -1.10 9.17 10.17
CA ASP A 91 0.07 8.44 9.69
C ASP A 91 -0.35 7.06 9.23
N SEP A 92 0.62 6.28 8.78
CA SEP A 92 0.34 4.97 8.24
CB SEP A 92 1.55 4.46 7.47
OG SEP A 92 1.74 5.28 6.35
C SEP A 92 0.02 3.95 9.30
O SEP A 92 -0.68 2.97 9.02
P SEP A 92 3.19 6.33 6.49
O1P SEP A 92 3.08 7.22 7.69
O2P SEP A 92 4.40 5.44 6.49
O3P SEP A 92 2.94 7.05 5.18
N GLY A 93 0.56 4.12 10.49
CA GLY A 93 0.38 3.12 11.54
C GLY A 93 -1.07 3.11 12.01
N ALA A 94 -1.56 4.28 12.39
CA ALA A 94 -2.89 4.37 12.99
C ALA A 94 -4.00 4.19 11.94
N THR A 95 -3.73 4.58 10.69
CA THR A 95 -4.67 4.26 9.63
C THR A 95 -4.69 2.74 9.41
N ALA A 96 -3.53 2.07 9.46
CA ALA A 96 -3.51 0.60 9.31
C ALA A 96 -4.39 -0.04 10.36
N THR A 97 -4.35 0.48 11.58
CA THR A 97 -5.24 -0.05 12.61
C THR A 97 -6.69 0.04 12.13
N ALA A 98 -7.04 1.16 11.49
CA ALA A 98 -8.40 1.39 11.05
C ALA A 98 -8.77 0.40 9.94
N TYR A 99 -8.01 0.38 8.85
CA TYR A 99 -8.44 -0.42 7.69
C TYR A 99 -8.08 -1.91 7.80
N LEU A 100 -7.22 -2.26 8.76
CA LEU A 100 -6.84 -3.67 8.98
C LEU A 100 -7.47 -4.30 10.21
N CYS A 101 -7.72 -3.49 11.24
CA CYS A 101 -8.26 -4.00 12.49
C CYS A 101 -9.65 -3.48 12.79
N GLY A 102 -10.06 -2.42 12.09
CA GLY A 102 -11.44 -1.91 12.16
C GLY A 102 -11.69 -1.00 13.34
N VAL A 103 -10.60 -0.45 13.85
CA VAL A 103 -10.64 0.43 15.02
C VAL A 103 -9.68 1.58 14.73
N LYS A 104 -10.09 2.81 15.02
CA LYS A 104 -9.16 3.95 14.84
C LYS A 104 -8.17 4.04 15.99
N GLY A 105 -6.97 4.53 15.71
CA GLY A 105 -5.95 4.62 16.74
C GLY A 105 -5.27 5.96 16.72
N ASN A 106 -4.27 6.07 17.58
CA ASN A 106 -3.45 7.27 17.66
C ASN A 106 -2.24 7.20 16.76
N PHE A 107 -1.98 8.33 16.10
CA PHE A 107 -0.83 8.60 15.25
C PHE A 107 0.42 7.83 15.72
N GLN A 108 0.98 7.05 14.81
CA GLN A 108 2.26 6.36 14.95
C GLN A 108 2.23 5.11 15.82
N THR A 109 1.04 4.72 16.27
CA THR A 109 0.85 3.40 16.86
C THR A 109 0.24 2.46 15.83
N ILE A 110 0.33 1.15 16.09
CA ILE A 110 -0.14 0.14 15.16
C ILE A 110 -0.87 -0.95 15.90
N GLY A 111 -2.07 -1.28 15.47
CA GLY A 111 -2.79 -2.44 15.99
C GLY A 111 -3.23 -2.23 17.42
N LEU A 112 -3.40 -0.96 17.81
CA LEU A 112 -3.81 -0.60 19.16
C LEU A 112 -4.97 0.38 19.11
N SER A 113 -5.92 0.21 20.03
CA SER A 113 -6.97 1.21 20.20
C SER A 113 -6.31 2.52 20.63
N ALA A 114 -7.11 3.58 20.58
CA ALA A 114 -6.63 4.91 20.95
C ALA A 114 -6.53 5.13 22.46
N ALA A 115 -6.76 4.07 23.24
CA ALA A 115 -6.43 4.09 24.67
C ALA A 115 -4.93 4.01 24.89
N ALA A 116 -4.22 3.43 23.93
CA ALA A 116 -2.76 3.39 23.97
C ALA A 116 -2.19 4.76 23.66
N ARG A 117 -0.92 4.94 23.97
CA ARG A 117 -0.26 6.22 23.73
C ARG A 117 1.06 5.97 23.02
N PHE A 118 1.32 6.76 21.99
CA PHE A 118 2.57 6.68 21.25
C PHE A 118 3.79 6.64 22.16
N ASN A 119 4.66 5.68 21.91
CA ASN A 119 5.96 5.56 22.56
C ASN A 119 5.84 5.34 24.07
N GLN A 120 4.69 4.87 24.54
CA GLN A 120 4.54 4.53 25.95
C GLN A 120 4.20 3.05 26.02
N CYS A 121 5.24 2.23 26.12
CA CYS A 121 5.07 0.77 26.13
C CYS A 121 4.05 0.29 27.17
N ASN A 122 4.03 0.97 28.31
CA ASN A 122 3.15 0.56 29.40
C ASN A 122 1.66 0.86 29.19
N THR A 123 1.31 1.40 28.02
CA THR A 123 -0.09 1.62 27.67
C THR A 123 -0.57 0.60 26.64
N THR A 124 0.24 -0.41 26.38
CA THR A 124 -0.02 -1.37 25.30
C THR A 124 -1.10 -2.38 25.66
N ARG A 125 -0.89 -3.09 26.76
CA ARG A 125 -1.67 -4.28 27.02
C ARG A 125 -3.14 -4.00 27.37
N GLY A 126 -4.03 -4.80 26.79
CA GLY A 126 -5.46 -4.54 26.87
C GLY A 126 -5.96 -3.73 25.68
N ASN A 127 -5.05 -3.07 24.96
CA ASN A 127 -5.42 -2.22 23.84
C ASN A 127 -5.16 -2.80 22.46
N GLU A 128 -4.70 -4.05 22.43
CA GLU A 128 -4.46 -4.74 21.18
C GLU A 128 -5.79 -4.97 20.47
N VAL A 129 -5.83 -4.62 19.19
CA VAL A 129 -7.01 -4.89 18.39
C VAL A 129 -6.55 -5.82 17.27
N ILE A 130 -7.30 -6.88 17.08
CA ILE A 130 -6.91 -7.97 16.22
C ILE A 130 -7.30 -7.69 14.77
N SER A 131 -6.35 -7.91 13.86
CA SER A 131 -6.57 -7.62 12.45
C SER A 131 -7.52 -8.63 11.82
N VAL A 132 -8.13 -8.23 10.72
CA VAL A 132 -8.95 -9.15 9.93
C VAL A 132 -8.09 -10.29 9.44
N MET A 133 -6.83 -10.00 9.08
CA MET A 133 -5.93 -11.04 8.63
C MET A 133 -5.71 -12.10 9.71
N ASN A 134 -5.53 -11.65 10.94
CA ASN A 134 -5.39 -12.57 12.06
C ASN A 134 -6.65 -13.45 12.19
N ARG A 135 -7.81 -12.80 12.10
CA ARG A 135 -9.09 -13.50 12.15
C ARG A 135 -9.28 -14.47 10.99
N ALA A 136 -8.80 -14.10 9.81
CA ALA A 136 -8.82 -15.00 8.66
C ALA A 136 -7.98 -16.25 8.93
N LYS A 137 -6.79 -16.07 9.51
CA LYS A 137 -5.92 -17.19 9.87
C LYS A 137 -6.58 -18.11 10.89
N LYS A 138 -7.18 -17.53 11.94
CA LYS A 138 -7.91 -18.34 12.93
C LYS A 138 -9.00 -19.19 12.28
N ALA A 139 -9.62 -18.66 11.23
CA ALA A 139 -10.70 -19.33 10.53
C ALA A 139 -10.16 -20.33 9.53
N GLY A 140 -8.85 -20.52 9.52
CA GLY A 140 -8.23 -21.55 8.70
C GLY A 140 -7.76 -21.12 7.34
N LYS A 141 -7.92 -19.82 7.00
CA LYS A 141 -7.43 -19.28 5.75
C LYS A 141 -5.92 -19.12 5.76
N SER A 142 -5.30 -19.18 4.59
CA SER A 142 -3.90 -18.82 4.47
C SER A 142 -3.84 -17.31 4.38
N VAL A 143 -2.74 -16.73 4.82
CA VAL A 143 -2.65 -15.27 4.85
C VAL A 143 -1.29 -14.80 4.32
N GLY A 144 -1.31 -13.64 3.67
CA GLY A 144 -0.13 -13.12 3.00
C GLY A 144 -0.01 -11.63 3.18
N VAL A 145 1.23 -11.18 3.29
CA VAL A 145 1.58 -9.78 3.43
C VAL A 145 2.62 -9.52 2.36
N VAL A 146 2.30 -8.59 1.47
CA VAL A 146 3.17 -8.25 0.36
C VAL A 146 3.30 -6.75 0.32
N THR A 147 4.54 -6.24 0.29
CA THR A 147 4.74 -4.79 0.22
C THR A 147 6.09 -4.44 -0.36
N THR A 148 6.19 -3.24 -0.93
CA THR A 148 7.48 -2.73 -1.41
C THR A 148 8.26 -2.04 -0.30
N THR A 149 7.65 -1.87 0.87
CA THR A 149 8.42 -1.37 2.01
C THR A 149 8.98 -2.55 2.82
N ARG A 150 9.77 -2.21 3.84
CA ARG A 150 10.02 -3.14 4.93
C ARG A 150 8.72 -3.85 5.31
N VAL A 151 8.77 -5.16 5.47
CA VAL A 151 7.57 -5.90 5.94
C VAL A 151 7.21 -5.52 7.38
N GLN A 152 8.14 -4.84 8.06
CA GLN A 152 7.95 -4.32 9.41
C GLN A 152 7.51 -2.86 9.40
N HIS A 153 7.32 -2.29 8.20
CA HIS A 153 6.85 -0.91 8.10
C HIS A 153 5.40 -0.81 8.57
N ALA A 154 4.91 0.41 8.77
CA ALA A 154 3.66 0.61 9.52
C ALA A 154 2.47 -0.13 8.89
N SER A 155 2.33 -0.02 7.58
CA SER A 155 1.18 -0.62 6.90
C SER A 155 1.10 -2.16 7.02
N PRO A 156 2.14 -2.87 6.55
CA PRO A 156 2.07 -4.33 6.72
C PRO A 156 2.01 -4.74 8.19
N ALA A 157 2.67 -3.97 9.06
CA ALA A 157 2.69 -4.28 10.50
C ALA A 157 1.27 -4.25 11.07
N GLY A 158 0.40 -3.46 10.46
CA GLY A 158 -1.01 -3.41 10.87
C GLY A 158 -1.71 -4.76 10.80
N THR A 159 -1.23 -5.64 9.92
CA THR A 159 -1.88 -6.94 9.76
C THR A 159 -1.55 -7.91 10.87
N TYR A 160 -0.43 -7.70 11.56
CA TYR A 160 0.03 -8.68 12.55
C TYR A 160 0.48 -8.13 13.89
N ALA A 161 0.88 -6.86 13.92
CA ALA A 161 1.57 -6.28 15.08
C ALA A 161 0.69 -5.42 15.95
N HIS A 162 1.14 -5.20 17.18
CA HIS A 162 0.52 -4.26 18.09
C HIS A 162 1.66 -3.54 18.76
N THR A 163 1.79 -2.26 18.50
CA THR A 163 2.91 -1.51 19.08
C THR A 163 2.56 -0.05 19.24
N VAL A 164 3.05 0.54 20.34
CA VAL A 164 2.90 1.97 20.57
C VAL A 164 3.89 2.77 19.77
N ASN A 165 4.78 2.12 19.03
CA ASN A 165 5.78 2.90 18.29
C ASN A 165 6.17 2.19 17.02
N ARG A 166 5.61 2.68 15.92
CA ARG A 166 5.90 2.15 14.58
C ARG A 166 7.40 2.15 14.23
N ASN A 167 8.20 2.97 14.92
CA ASN A 167 9.64 3.04 14.66
C ASN A 167 10.43 1.88 15.24
N TRP A 168 9.77 1.03 16.02
CA TRP A 168 10.43 -0.10 16.67
C TRP A 168 10.60 -1.31 15.76
N TYR A 169 11.38 -1.15 14.70
CA TYR A 169 11.55 -2.19 13.70
C TYR A 169 12.25 -3.41 14.28
N SER A 170 13.35 -3.19 15.00
CA SER A 170 14.10 -4.27 15.61
C SER A 170 14.37 -3.87 17.05
N ASP A 171 14.93 -4.80 17.80
CA ASP A 171 15.20 -4.55 19.21
C ASP A 171 16.16 -3.37 19.40
N ALA A 172 17.01 -3.11 18.40
CA ALA A 172 17.94 -1.97 18.43
C ALA A 172 17.23 -0.63 18.57
N ASP A 173 15.96 -0.59 18.15
CA ASP A 173 15.14 0.63 18.17
C ASP A 173 14.35 0.81 19.46
N VAL A 174 14.19 -0.29 20.19
CA VAL A 174 13.36 -0.31 21.38
C VAL A 174 14.17 0.12 22.60
N PRO A 175 13.73 1.18 23.30
CA PRO A 175 14.43 1.63 24.50
C PRO A 175 14.48 0.49 25.51
N ALA A 176 15.55 0.46 26.31
CA ALA A 176 15.72 -0.60 27.30
C ALA A 176 14.47 -0.80 28.18
N SER A 177 13.84 0.30 28.60
CA SER A 177 12.68 0.19 29.49
C SER A 177 11.51 -0.55 28.81
N ALA A 178 11.32 -0.29 27.52
CA ALA A 178 10.26 -0.93 26.73
C ALA A 178 10.60 -2.40 26.49
N ARG A 179 11.88 -2.68 26.28
CA ARG A 179 12.31 -4.08 26.10
C ARG A 179 12.02 -4.87 27.39
N GLN A 180 12.39 -4.28 28.54
CA GLN A 180 12.12 -4.94 29.82
C GLN A 180 10.63 -5.12 30.06
N GLU A 181 9.82 -4.14 29.64
CA GLU A 181 8.36 -4.23 29.75
C GLU A 181 7.71 -5.15 28.73
N GLY A 182 8.52 -5.77 27.88
CA GLY A 182 8.03 -6.79 26.96
C GLY A 182 7.38 -6.26 25.70
N CYS A 183 7.63 -5.01 25.33
CA CYS A 183 7.18 -4.53 24.02
C CYS A 183 8.13 -5.03 22.95
N GLN A 184 7.66 -6.00 22.18
CA GLN A 184 8.48 -6.63 21.18
C GLN A 184 8.64 -5.75 19.97
N ASP A 185 9.84 -5.73 19.42
CA ASP A 185 10.07 -5.04 18.18
C ASP A 185 9.21 -5.70 17.10
N ILE A 186 8.94 -4.94 16.04
CA ILE A 186 8.02 -5.40 14.99
C ILE A 186 8.54 -6.64 14.26
N ALA A 187 9.86 -6.71 14.02
CA ALA A 187 10.42 -7.89 13.37
C ALA A 187 10.13 -9.16 14.18
N THR A 188 10.27 -9.07 15.51
CA THR A 188 9.91 -10.18 16.37
C THR A 188 8.43 -10.53 16.24
N GLN A 189 7.58 -9.50 16.30
CA GLN A 189 6.12 -9.69 16.21
C GLN A 189 5.73 -10.34 14.89
N LEU A 190 6.45 -9.99 13.83
CA LEU A 190 6.24 -10.59 12.51
C LEU A 190 6.32 -12.12 12.55
N ILE A 191 7.30 -12.65 13.26
CA ILE A 191 7.46 -14.11 13.32
C ILE A 191 6.70 -14.76 14.47
N SER A 192 6.30 -13.96 15.46
CA SER A 192 5.77 -14.54 16.71
C SER A 192 4.28 -14.39 16.92
N ASN A 193 3.68 -13.27 16.49
CA ASN A 193 2.29 -12.99 16.86
C ASN A 193 1.33 -13.99 16.26
N MET A 194 1.56 -14.30 14.99
CA MET A 194 0.67 -15.19 14.28
C MET A 194 1.41 -15.88 13.17
N ASP A 195 0.77 -16.94 12.68
CA ASP A 195 1.27 -17.63 11.53
C ASP A 195 0.90 -16.85 10.29
N ILE A 196 1.90 -16.52 9.49
CA ILE A 196 1.68 -15.81 8.22
C ILE A 196 2.29 -16.70 7.16
N ASP A 197 1.49 -17.08 6.17
CA ASP A 197 1.93 -18.04 5.17
C ASP A 197 2.91 -17.46 4.17
N VAL A 198 2.69 -16.19 3.83
CA VAL A 198 3.52 -15.53 2.84
C VAL A 198 3.87 -14.15 3.36
N ILE A 199 5.17 -13.86 3.42
CA ILE A 199 5.66 -12.56 3.84
C ILE A 199 6.67 -12.11 2.79
N LEU A 200 6.35 -11.03 2.07
CA LEU A 200 7.18 -10.58 0.97
C LEU A 200 7.34 -9.08 1.00
N GLY A 201 8.59 -8.62 0.96
CA GLY A 201 8.89 -7.19 0.92
C GLY A 201 10.32 -6.94 1.35
N GLY A 202 10.56 -5.77 1.94
CA GLY A 202 11.92 -5.43 2.39
C GLY A 202 12.08 -5.76 3.85
N GLY A 203 13.18 -5.31 4.44
CA GLY A 203 13.37 -5.42 5.89
C GLY A 203 14.22 -6.59 6.34
N ARG A 204 15.16 -7.01 5.51
CA ARG A 204 16.09 -8.06 5.92
C ARG A 204 16.83 -7.72 7.21
N LYS A 205 17.27 -6.47 7.33
CA LYS A 205 18.28 -6.10 8.32
C LYS A 205 17.82 -6.32 9.76
N TYR A 206 16.51 -6.15 9.98
CA TYR A 206 15.91 -6.26 11.30
C TYR A 206 15.81 -7.71 11.81
N MET A 207 16.11 -8.66 10.94
CA MET A 207 15.93 -10.07 11.25
C MET A 207 17.20 -10.73 11.77
N PHE A 208 18.33 -10.04 11.62
CA PHE A 208 19.63 -10.64 11.87
C PHE A 208 20.46 -9.86 12.87
N ARG A 209 21.33 -10.57 13.57
CA ARG A 209 22.09 -9.95 14.63
C ARG A 209 23.06 -8.96 14.02
N MET A 210 23.30 -7.89 14.77
CA MET A 210 24.28 -6.88 14.40
C MET A 210 25.59 -7.57 13.99
N GLY A 211 26.17 -7.10 12.90
CA GLY A 211 27.34 -7.77 12.34
C GLY A 211 27.07 -8.81 11.27
N THR A 212 25.82 -9.19 11.06
CA THR A 212 25.49 -10.12 9.98
C THR A 212 25.49 -9.38 8.65
N PRO A 213 26.39 -9.76 7.73
CA PRO A 213 26.41 -9.11 6.43
C PRO A 213 25.09 -9.33 5.71
N ASP A 214 24.59 -8.30 5.05
CA ASP A 214 23.47 -8.48 4.16
C ASP A 214 23.91 -9.38 2.96
N PRO A 215 23.08 -10.35 2.53
CA PRO A 215 23.51 -11.23 1.42
C PRO A 215 23.72 -10.50 0.10
N GLU A 216 23.06 -9.35 -0.05
CA GLU A 216 23.07 -8.65 -1.31
C GLU A 216 24.10 -7.52 -1.29
N TYR A 217 24.39 -6.98 -0.11
CA TYR A 217 25.34 -5.89 0.04
C TYR A 217 26.39 -6.19 1.12
N PRO A 218 27.14 -7.31 0.97
CA PRO A 218 28.04 -7.76 2.05
C PRO A 218 29.18 -6.79 2.35
N ASP A 219 29.42 -5.89 1.41
CA ASP A 219 30.47 -4.88 1.50
C ASP A 219 29.94 -3.52 1.95
N ASP A 220 28.65 -3.43 2.29
CA ASP A 220 28.13 -2.23 2.89
C ASP A 220 27.64 -2.53 4.29
N TYR A 221 28.46 -2.20 5.28
CA TYR A 221 28.17 -2.57 6.68
C TYR A 221 26.85 -1.97 7.17
N SER A 222 26.51 -0.80 6.65
CA SER A 222 25.28 -0.10 7.05
C SER A 222 24.01 -0.91 6.72
N GLN A 223 24.15 -1.86 5.79
CA GLN A 223 23.03 -2.71 5.35
C GLN A 223 22.90 -3.98 6.17
N GLY A 224 23.83 -4.21 7.10
CA GLY A 224 23.86 -5.44 7.88
C GLY A 224 22.77 -5.57 8.93
N GLY A 225 22.76 -6.72 9.61
CA GLY A 225 21.86 -6.97 10.72
C GLY A 225 21.90 -5.86 11.76
N THR A 226 20.76 -5.63 12.39
CA THR A 226 20.61 -4.58 13.37
C THR A 226 20.45 -5.13 14.77
N ARG A 227 20.18 -6.43 14.91
CA ARG A 227 19.65 -6.94 16.17
C ARG A 227 20.69 -6.98 17.27
N LEU A 228 20.24 -6.65 18.47
CA LEU A 228 21.14 -6.62 19.61
C LEU A 228 20.99 -7.89 20.45
N ASP A 229 19.93 -8.65 20.20
CA ASP A 229 19.63 -9.85 21.02
C ASP A 229 20.26 -11.13 20.49
N GLY A 230 21.08 -11.01 19.45
CA GLY A 230 21.75 -12.18 18.88
C GLY A 230 20.86 -13.16 18.14
N LYS A 231 19.57 -12.83 17.98
CA LYS A 231 18.62 -13.74 17.31
C LYS A 231 18.67 -13.63 15.80
N ASN A 232 18.50 -14.78 15.16
CA ASN A 232 18.26 -14.84 13.75
C ASN A 232 16.79 -15.15 13.62
N LEU A 233 15.98 -14.13 13.36
CA LEU A 233 14.53 -14.30 13.32
C LEU A 233 14.07 -15.09 12.11
N VAL A 234 14.85 -15.05 11.04
CA VAL A 234 14.55 -15.87 9.86
C VAL A 234 14.70 -17.35 10.21
N GLN A 235 15.81 -17.70 10.83
CA GLN A 235 16.07 -19.06 11.27
C GLN A 235 14.96 -19.53 12.23
N GLU A 236 14.61 -18.68 13.19
CA GLU A 236 13.56 -19.00 14.14
C GLU A 236 12.21 -19.26 13.45
N TRP A 237 11.86 -18.42 12.49
CA TRP A 237 10.63 -18.58 11.72
C TRP A 237 10.63 -19.88 10.92
N LEU A 238 11.73 -20.16 10.24
CA LEU A 238 11.87 -21.38 9.48
C LEU A 238 11.76 -22.63 10.35
N ALA A 239 12.37 -22.57 11.53
CA ALA A 239 12.44 -23.73 12.41
C ALA A 239 11.05 -24.12 12.92
N LYS A 240 10.15 -23.15 13.00
CA LYS A 240 8.79 -23.37 13.48
C LYS A 240 7.86 -24.08 12.49
N ARG A 241 8.26 -24.20 11.22
CA ARG A 241 7.32 -24.59 10.16
C ARG A 241 7.96 -25.51 9.14
N GLN A 242 7.39 -26.69 8.96
CA GLN A 242 7.88 -27.58 7.90
C GLN A 242 7.36 -27.06 6.56
N GLY A 243 8.23 -27.04 5.55
CA GLY A 243 7.87 -26.54 4.23
C GLY A 243 8.05 -25.04 4.15
N ALA A 244 8.71 -24.47 5.16
CA ALA A 244 9.01 -23.04 5.17
C ALA A 244 10.26 -22.78 4.36
N ARG A 245 10.26 -21.66 3.64
CA ARG A 245 11.37 -21.25 2.79
C ARG A 245 11.63 -19.76 2.99
N TYR A 246 12.89 -19.39 3.05
CA TYR A 246 13.30 -18.01 3.07
C TYR A 246 14.05 -17.71 1.78
N VAL A 247 13.73 -16.60 1.15
CA VAL A 247 14.38 -16.17 -0.08
C VAL A 247 14.72 -14.69 0.07
N TRP A 248 15.81 -14.26 -0.56
CA TRP A 248 16.19 -12.84 -0.55
C TRP A 248 16.32 -12.26 -1.95
N ASN A 249 16.09 -13.09 -2.96
CA ASN A 249 16.10 -12.59 -4.31
C ASN A 249 14.99 -13.15 -5.18
N ARG A 250 14.82 -12.52 -6.33
CA ARG A 250 13.71 -12.78 -7.23
C ARG A 250 13.71 -14.20 -7.75
N THR A 251 14.86 -14.70 -8.20
CA THR A 251 14.85 -16.02 -8.82
C THR A 251 14.46 -17.10 -7.81
N GLU A 252 14.93 -16.99 -6.58
CA GLU A 252 14.52 -17.95 -5.55
C GLU A 252 13.05 -17.82 -5.19
N LEU A 253 12.54 -16.58 -5.17
CA LEU A 253 11.12 -16.35 -4.97
C LEU A 253 10.30 -17.09 -6.03
N MET A 254 10.65 -16.89 -7.30
CA MET A 254 9.97 -17.58 -8.41
C MET A 254 9.94 -19.07 -8.14
N GLN A 255 11.12 -19.61 -7.86
CA GLN A 255 11.31 -21.05 -7.62
C GLN A 255 10.44 -21.53 -6.47
N ALA A 256 10.49 -20.84 -5.34
CA ALA A 256 9.68 -21.19 -4.18
C ALA A 256 8.17 -21.14 -4.47
N SER A 257 7.73 -20.12 -5.21
CA SER A 257 6.29 -19.95 -5.47
C SER A 257 5.70 -21.09 -6.31
N LEU A 258 6.55 -21.78 -7.07
CA LEU A 258 6.10 -22.88 -7.92
C LEU A 258 6.29 -24.24 -7.25
N ASP A 259 6.87 -24.24 -6.05
CA ASP A 259 7.25 -25.46 -5.37
C ASP A 259 6.11 -25.93 -4.46
N PRO A 260 5.53 -27.11 -4.78
CA PRO A 260 4.39 -27.64 -4.05
C PRO A 260 4.72 -27.86 -2.56
N SER A 261 5.97 -28.16 -2.26
CA SER A 261 6.37 -28.45 -0.88
C SER A 261 6.54 -27.18 -0.03
N VAL A 262 6.52 -26.02 -0.68
CA VAL A 262 6.65 -24.77 0.05
C VAL A 262 5.29 -24.34 0.55
N THR A 263 5.11 -24.38 1.87
CA THR A 263 3.84 -24.00 2.46
C THR A 263 3.92 -22.63 3.11
N HIS A 264 5.13 -22.20 3.46
CA HIS A 264 5.35 -20.92 4.08
C HIS A 264 6.53 -20.25 3.39
N LEU A 265 6.37 -19.00 3.02
CA LEU A 265 7.41 -18.33 2.27
C LEU A 265 7.69 -16.97 2.85
N MET A 266 8.94 -16.73 3.21
CA MET A 266 9.35 -15.41 3.61
C MET A 266 10.38 -14.91 2.61
N GLY A 267 10.06 -13.79 1.96
CA GLY A 267 10.96 -13.24 0.94
C GLY A 267 11.26 -11.82 1.36
N LEU A 268 12.52 -11.56 1.70
CA LEU A 268 12.95 -10.22 2.12
C LEU A 268 14.03 -9.74 1.18
N PHE A 269 13.71 -8.72 0.39
CA PHE A 269 14.42 -8.45 -0.85
C PHE A 269 15.40 -7.30 -0.78
N GLU A 270 15.31 -6.51 0.29
CA GLU A 270 16.29 -5.46 0.55
C GLU A 270 16.51 -5.40 2.05
N PRO A 271 17.62 -4.76 2.48
CA PRO A 271 17.85 -4.60 3.92
C PRO A 271 16.73 -3.76 4.55
N GLY A 272 16.36 -2.65 3.89
CA GLY A 272 15.26 -1.81 4.33
C GLY A 272 14.16 -1.87 3.28
N ASP A 273 13.65 -0.71 2.87
CA ASP A 273 12.60 -0.68 1.87
C ASP A 273 13.13 -1.16 0.53
N MET A 274 12.23 -1.67 -0.30
CA MET A 274 12.64 -2.06 -1.63
C MET A 274 12.91 -0.82 -2.47
N LYS A 275 13.68 -0.98 -3.52
CA LYS A 275 13.95 0.13 -4.41
C LYS A 275 12.67 0.57 -5.10
N TYR A 276 12.59 1.86 -5.41
CA TYR A 276 11.57 2.33 -6.32
C TYR A 276 11.62 1.46 -7.57
N GLU A 277 10.46 1.20 -8.15
CA GLU A 277 10.39 0.43 -9.38
C GLU A 277 11.39 0.95 -10.42
N ILE A 278 11.54 2.27 -10.52
CA ILE A 278 12.45 2.85 -11.53
C ILE A 278 13.91 2.53 -11.26
N HIS A 279 14.21 2.13 -10.02
CA HIS A 279 15.55 1.74 -9.64
C HIS A 279 15.72 0.24 -9.41
N ARG A 280 14.64 -0.51 -9.57
CA ARG A 280 14.66 -1.94 -9.27
C ARG A 280 15.65 -2.68 -10.18
N ASP A 281 16.43 -3.57 -9.59
CA ASP A 281 17.26 -4.50 -10.33
C ASP A 281 16.38 -5.72 -10.61
N SER A 282 15.95 -5.86 -11.86
CA SER A 282 14.98 -6.90 -12.22
C SER A 282 15.57 -8.31 -12.23
N THR A 283 16.90 -8.41 -12.09
CA THR A 283 17.51 -9.72 -11.93
C THR A 283 17.47 -10.17 -10.47
N LEU A 284 17.59 -9.21 -9.55
CA LEU A 284 17.65 -9.53 -8.12
C LEU A 284 16.33 -9.34 -7.39
N ASP A 285 15.48 -8.45 -7.90
CA ASP A 285 14.31 -8.02 -7.14
C ASP A 285 13.01 -8.16 -7.89
N PRO A 286 12.01 -8.73 -7.22
CA PRO A 286 10.72 -8.86 -7.85
C PRO A 286 9.96 -7.52 -7.78
N SER A 287 9.18 -7.23 -8.82
CA SER A 287 8.28 -6.10 -8.78
C SER A 287 7.13 -6.44 -7.82
N LEU A 288 6.33 -5.44 -7.50
CA LEU A 288 5.18 -5.65 -6.62
C LEU A 288 4.21 -6.65 -7.26
N MET A 289 4.03 -6.53 -8.58
CA MET A 289 3.16 -7.45 -9.29
C MET A 289 3.64 -8.91 -9.16
N GLU A 290 4.94 -9.11 -9.29
CA GLU A 290 5.55 -10.42 -9.19
C GLU A 290 5.41 -10.99 -7.78
N MET A 291 5.66 -10.16 -6.78
CA MET A 291 5.46 -10.57 -5.39
C MET A 291 4.00 -10.95 -5.15
N THR A 292 3.09 -10.15 -5.74
CA THR A 292 1.65 -10.43 -5.65
C THR A 292 1.29 -11.81 -6.24
N GLU A 293 1.82 -12.09 -7.42
CA GLU A 293 1.60 -13.37 -8.04
C GLU A 293 2.19 -14.54 -7.26
N ALA A 294 3.44 -14.38 -6.80
CA ALA A 294 4.10 -15.38 -5.96
C ALA A 294 3.23 -15.72 -4.76
N ALA A 295 2.74 -14.68 -4.09
CA ALA A 295 1.88 -14.83 -2.92
C ALA A 295 0.63 -15.60 -3.30
N LEU A 296 0.00 -15.22 -4.40
CA LEU A 296 -1.26 -15.87 -4.81
C LEU A 296 -1.08 -17.34 -5.18
N ARG A 297 0.05 -17.66 -5.82
CA ARG A 297 0.39 -19.07 -6.09
C ARG A 297 0.31 -19.94 -4.85
N LEU A 298 0.90 -19.47 -3.76
CA LEU A 298 0.91 -20.24 -2.52
C LEU A 298 -0.44 -20.13 -1.81
N LEU A 299 -0.93 -18.91 -1.64
CA LEU A 299 -2.15 -18.68 -0.85
C LEU A 299 -3.38 -19.40 -1.43
N SER A 300 -3.45 -19.46 -2.76
CA SER A 300 -4.60 -20.02 -3.45
C SER A 300 -4.74 -21.54 -3.25
N ARG A 301 -3.72 -22.19 -2.70
CA ARG A 301 -3.79 -23.65 -2.54
C ARG A 301 -4.77 -24.09 -1.46
N ASN A 302 -5.01 -23.20 -0.50
CA ASN A 302 -5.82 -23.53 0.66
C ASN A 302 -7.30 -23.55 0.28
N PRO A 303 -7.97 -24.69 0.45
CA PRO A 303 -9.38 -24.77 0.04
C PRO A 303 -10.29 -23.83 0.81
N ARG A 304 -9.85 -23.35 1.99
CA ARG A 304 -10.64 -22.45 2.84
C ARG A 304 -10.52 -21.00 2.41
N GLY A 305 -9.59 -20.73 1.51
CA GLY A 305 -9.40 -19.37 1.01
C GLY A 305 -8.20 -18.69 1.65
N PHE A 306 -8.05 -17.41 1.35
CA PHE A 306 -6.93 -16.63 1.84
C PHE A 306 -7.31 -15.18 2.11
N PHE A 307 -6.49 -14.54 2.93
CA PHE A 307 -6.49 -13.12 3.09
C PHE A 307 -5.15 -12.65 2.56
N LEU A 308 -5.17 -11.64 1.71
CA LEU A 308 -3.91 -11.09 1.19
C LEU A 308 -3.88 -9.57 1.33
N PHE A 309 -2.78 -9.06 1.89
CA PHE A 309 -2.50 -7.62 1.95
C PHE A 309 -1.42 -7.32 0.91
N VAL A 310 -1.71 -6.40 0.00
CA VAL A 310 -0.75 -5.99 -1.02
C VAL A 310 -0.57 -4.47 -0.93
N GLU A 311 0.65 -4.02 -0.68
CA GLU A 311 0.85 -2.58 -0.53
C GLU A 311 1.75 -1.97 -1.59
N GLY A 312 1.22 -0.93 -2.24
CA GLY A 312 2.04 -0.02 -3.04
C GLY A 312 2.65 0.93 -2.04
N GLY A 313 3.73 0.48 -1.39
CA GLY A 313 4.18 1.17 -0.19
C GLY A 313 5.00 2.40 -0.40
N ARG A 314 5.58 2.55 -1.59
CA ARG A 314 6.50 3.65 -1.83
C ARG A 314 5.91 4.76 -2.68
N ILE A 315 4.63 4.65 -3.03
CA ILE A 315 3.85 5.80 -3.54
C ILE A 315 4.07 6.96 -2.56
N ASP A 316 3.83 6.64 -1.30
CA ASP A 316 3.96 7.56 -0.18
C ASP A 316 5.35 8.20 -0.17
N HIS A 317 6.37 7.39 -0.33
CA HIS A 317 7.75 7.84 -0.28
C HIS A 317 8.10 8.83 -1.38
N GLY A 318 7.58 8.58 -2.58
CA GLY A 318 7.77 9.51 -3.69
C GLY A 318 7.20 10.87 -3.36
N HIS A 319 5.97 10.88 -2.83
CA HIS A 319 5.37 12.16 -2.46
C HIS A 319 6.15 12.85 -1.36
N HIS A 320 6.62 12.10 -0.36
CA HIS A 320 7.42 12.74 0.71
C HIS A 320 8.66 13.45 0.19
N GLU A 321 9.27 12.87 -0.84
CA GLU A 321 10.43 13.49 -1.50
C GLU A 321 10.00 14.63 -2.41
N SER A 322 8.68 14.83 -2.53
CA SER A 322 8.09 15.71 -3.52
C SER A 322 8.62 15.38 -4.91
N ARG A 323 8.79 14.09 -5.16
CA ARG A 323 9.15 13.61 -6.50
C ARG A 323 7.97 12.87 -7.07
N ALA A 324 7.09 13.63 -7.74
CA ALA A 324 5.85 13.04 -8.24
C ALA A 324 6.13 11.92 -9.21
N TYR A 325 7.26 12.01 -9.92
CA TYR A 325 7.63 10.95 -10.85
C TYR A 325 7.69 9.61 -10.12
N ARG A 326 8.28 9.61 -8.94
CA ARG A 326 8.38 8.39 -8.14
C ARG A 326 7.04 7.99 -7.57
N ALA A 327 6.28 8.95 -7.04
CA ALA A 327 4.96 8.65 -6.48
C ALA A 327 4.09 7.99 -7.54
N LEU A 328 4.11 8.55 -8.75
CA LEU A 328 3.17 8.12 -9.77
C LEU A 328 3.58 6.81 -10.41
N THR A 329 4.89 6.62 -10.62
CA THR A 329 5.35 5.34 -11.16
C THR A 329 5.11 4.21 -10.16
N GLU A 330 5.32 4.46 -8.88
CA GLU A 330 4.89 3.48 -7.87
C GLU A 330 3.38 3.19 -7.93
N THR A 331 2.58 4.22 -8.20
CA THR A 331 1.14 4.05 -8.24
C THR A 331 0.76 3.15 -9.41
N ILE A 332 1.40 3.39 -10.56
CA ILE A 332 1.13 2.54 -11.73
C ILE A 332 1.48 1.08 -11.44
N MET A 333 2.64 0.84 -10.82
CA MET A 333 3.03 -0.55 -10.48
C MET A 333 2.02 -1.17 -9.52
N PHE A 334 1.54 -0.36 -8.58
CA PHE A 334 0.54 -0.80 -7.64
C PHE A 334 -0.73 -1.20 -8.42
N ASP A 335 -1.15 -0.35 -9.34
CA ASP A 335 -2.33 -0.65 -10.14
C ASP A 335 -2.12 -1.91 -11.00
N ASP A 336 -0.89 -2.09 -11.51
CA ASP A 336 -0.54 -3.31 -12.25
C ASP A 336 -0.68 -4.57 -11.39
N ALA A 337 -0.32 -4.46 -10.10
CA ALA A 337 -0.48 -5.57 -9.17
C ALA A 337 -1.95 -5.90 -8.93
N ILE A 338 -2.78 -4.85 -8.81
CA ILE A 338 -4.24 -4.99 -8.69
C ILE A 338 -4.77 -5.73 -9.92
N GLU A 339 -4.37 -5.26 -11.09
CA GLU A 339 -4.78 -5.89 -12.32
C GLU A 339 -4.36 -7.35 -12.34
N ARG A 340 -3.12 -7.63 -11.95
CA ARG A 340 -2.61 -9.01 -11.97
C ARG A 340 -3.40 -9.90 -11.00
N ALA A 341 -3.67 -9.39 -9.80
CA ALA A 341 -4.45 -10.15 -8.84
C ALA A 341 -5.85 -10.45 -9.39
N GLY A 342 -6.45 -9.51 -10.10
CA GLY A 342 -7.79 -9.73 -10.69
C GLY A 342 -7.78 -10.83 -11.74
N GLN A 343 -6.63 -11.04 -12.38
CA GLN A 343 -6.49 -12.10 -13.37
C GLN A 343 -6.39 -13.47 -12.70
N LEU A 344 -5.85 -13.47 -11.49
CA LEU A 344 -5.51 -14.70 -10.81
C LEU A 344 -6.56 -15.12 -9.81
N THR A 345 -7.60 -14.31 -9.65
CA THR A 345 -8.65 -14.60 -8.68
C THR A 345 -10.00 -14.33 -9.33
N SER A 346 -11.05 -14.86 -8.71
CA SER A 346 -12.37 -14.68 -9.26
C SER A 346 -13.17 -13.73 -8.39
N GLU A 347 -13.83 -12.76 -9.02
CA GLU A 347 -14.69 -11.87 -8.26
C GLU A 347 -15.97 -12.57 -7.78
N GLU A 348 -16.21 -13.80 -8.26
CA GLU A 348 -17.29 -14.63 -7.72
C GLU A 348 -17.04 -15.03 -6.26
N ASP A 349 -15.78 -15.16 -5.86
CA ASP A 349 -15.50 -15.61 -4.50
C ASP A 349 -14.44 -14.79 -3.76
N THR A 350 -13.95 -13.74 -4.43
CA THR A 350 -12.89 -12.90 -3.85
C THR A 350 -13.39 -11.48 -3.68
N LEU A 351 -13.40 -11.00 -2.45
CA LEU A 351 -13.65 -9.58 -2.24
C LEU A 351 -12.32 -8.84 -2.29
N SER A 352 -12.22 -7.89 -3.21
CA SER A 352 -10.99 -7.13 -3.35
C SER A 352 -11.34 -5.69 -3.03
N LEU A 353 -10.59 -5.09 -2.11
CA LEU A 353 -10.67 -3.65 -1.91
C LEU A 353 -9.34 -2.97 -2.22
N VAL A 354 -9.43 -1.84 -2.92
CA VAL A 354 -8.28 -1.00 -3.18
C VAL A 354 -8.53 0.28 -2.42
N THR A 355 -7.56 0.71 -1.63
CA THR A 355 -7.70 2.01 -0.96
C THR A 355 -6.35 2.62 -0.69
N ALA A 356 -6.37 3.78 -0.02
CA ALA A 356 -5.17 4.43 0.43
C ALA A 356 -5.29 4.56 1.92
N ASP A 357 -4.17 4.64 2.62
CA ASP A 357 -4.24 4.93 4.04
C ASP A 357 -4.54 6.40 4.27
N HIS A 358 -4.12 7.27 3.34
CA HIS A 358 -4.33 8.69 3.45
C HIS A 358 -3.73 9.29 2.20
N SER A 359 -3.88 10.60 2.06
CA SER A 359 -3.37 11.31 0.89
C SER A 359 -2.09 12.12 1.20
N HIS A 360 -1.77 13.05 0.32
CA HIS A 360 -0.60 13.95 0.40
C HIS A 360 -1.07 15.27 -0.14
N VAL A 361 -0.30 16.32 0.12
CA VAL A 361 -0.62 17.68 -0.32
C VAL A 361 -0.19 17.90 -1.77
N PHE A 362 -0.47 16.89 -2.59
CA PHE A 362 -0.12 16.82 -3.99
C PHE A 362 -1.28 17.36 -4.83
N SER A 363 -0.98 18.29 -5.72
CA SER A 363 -2.04 18.85 -6.56
C SER A 363 -1.67 18.82 -8.03
N PHE A 364 -2.70 18.74 -8.84
CA PHE A 364 -2.56 18.68 -10.26
C PHE A 364 -3.38 19.86 -10.82
N GLY A 365 -2.68 20.91 -11.25
CA GLY A 365 -3.33 22.16 -11.63
C GLY A 365 -2.69 22.82 -12.83
N GLY A 366 -2.79 24.16 -12.89
CA GLY A 366 -2.48 24.88 -14.12
C GLY A 366 -3.56 24.46 -15.10
N TYR A 367 -3.45 24.85 -16.35
CA TYR A 367 -4.48 24.43 -17.31
C TYR A 367 -3.84 23.73 -18.49
N PRO A 368 -3.22 22.56 -18.24
CA PRO A 368 -2.51 21.85 -19.29
C PRO A 368 -3.45 21.30 -20.34
N LEU A 369 -2.93 21.22 -21.55
CA LEU A 369 -3.67 20.70 -22.68
C LEU A 369 -3.83 19.20 -22.59
N ARG A 370 -4.95 18.72 -23.11
CA ARG A 370 -5.18 17.30 -23.24
C ARG A 370 -3.97 16.64 -23.92
N GLY A 371 -3.50 15.55 -23.33
CA GLY A 371 -2.38 14.80 -23.86
C GLY A 371 -1.02 15.28 -23.41
N SER A 372 -0.95 16.41 -22.72
CA SER A 372 0.33 16.91 -22.25
C SER A 372 0.82 16.08 -21.06
N SER A 373 2.14 15.99 -20.93
CA SER A 373 2.76 15.19 -19.87
C SER A 373 2.37 15.72 -18.50
N ILE A 374 2.02 14.82 -17.60
CA ILE A 374 1.70 15.15 -16.22
C ILE A 374 2.91 15.84 -15.55
N PHE A 375 4.13 15.60 -16.06
CA PHE A 375 5.32 16.20 -15.45
C PHE A 375 5.73 17.52 -16.11
N GLY A 376 4.86 18.01 -16.99
CA GLY A 376 5.19 19.21 -17.74
C GLY A 376 4.88 20.52 -17.03
N LEU A 377 5.17 21.59 -17.74
CA LEU A 377 4.91 22.94 -17.27
C LEU A 377 3.46 23.34 -17.54
N ALA A 378 2.88 24.07 -16.60
CA ALA A 378 1.58 24.68 -16.84
C ALA A 378 1.78 25.70 -17.95
N PRO A 379 0.79 25.83 -18.85
CA PRO A 379 0.83 26.89 -19.86
C PRO A 379 0.85 28.26 -19.19
N GLY A 380 1.68 29.15 -19.70
CA GLY A 380 1.69 30.51 -19.17
C GLY A 380 2.61 30.71 -17.98
N LYS A 381 3.19 31.88 -17.91
CA LYS A 381 4.11 32.20 -16.82
C LYS A 381 3.35 32.56 -15.56
N ALA A 382 4.01 32.35 -14.42
CA ALA A 382 3.50 32.81 -13.13
C ALA A 382 3.70 34.32 -12.98
N ARG A 383 3.20 34.89 -11.90
CA ARG A 383 3.28 36.31 -11.69
C ARG A 383 4.71 36.81 -11.54
N ASP A 384 5.65 35.92 -11.20
CA ASP A 384 7.06 36.29 -11.08
C ASP A 384 7.80 36.07 -12.40
N ARG A 385 7.01 35.88 -13.47
CA ARG A 385 7.48 35.78 -14.85
C ARG A 385 8.22 34.49 -15.15
N LYS A 386 8.15 33.52 -14.24
CA LYS A 386 8.82 32.25 -14.47
C LYS A 386 7.80 31.14 -14.63
N ALA A 387 8.24 30.06 -15.25
CA ALA A 387 7.37 28.92 -15.48
C ALA A 387 7.02 28.21 -14.16
N TYR A 388 5.99 27.37 -14.23
CA TYR A 388 5.67 26.50 -13.11
C TYR A 388 5.10 25.21 -13.64
N THR A 389 5.07 24.19 -12.79
CA THR A 389 4.66 22.84 -13.18
C THR A 389 3.17 22.60 -12.89
N VAL A 390 2.56 21.69 -13.64
CA VAL A 390 1.16 21.32 -13.36
C VAL A 390 1.07 20.57 -12.03
N LEU A 391 2.12 19.86 -11.67
CA LEU A 391 2.16 19.14 -10.39
C LEU A 391 2.90 19.99 -9.37
N LEU A 392 2.28 20.18 -8.22
CA LEU A 392 2.85 20.96 -7.14
C LEU A 392 2.51 20.32 -5.82
N TYR A 393 3.20 20.73 -4.77
CA TYR A 393 2.92 20.25 -3.43
C TYR A 393 2.67 21.43 -2.54
N GLY A 394 1.84 21.24 -1.52
CA GLY A 394 1.58 22.35 -0.59
C GLY A 394 2.87 22.66 0.18
N ASN A 395 3.57 21.62 0.58
CA ASN A 395 4.80 21.77 1.34
C ASN A 395 5.77 20.69 0.91
N GLY A 396 7.01 20.76 1.38
CA GLY A 396 7.98 19.72 1.08
C GLY A 396 9.28 20.25 0.53
N PRO A 397 10.20 19.33 0.19
CA PRO A 397 11.59 19.66 -0.12
C PRO A 397 11.84 20.18 -1.53
N GLY A 398 10.76 20.38 -2.30
CA GLY A 398 10.83 21.05 -3.61
C GLY A 398 10.84 22.56 -3.52
N TYR A 399 10.63 23.09 -2.31
CA TYR A 399 10.65 24.54 -2.15
C TYR A 399 12.08 25.00 -2.34
N VAL A 400 12.27 25.96 -3.24
CA VAL A 400 13.61 26.48 -3.51
C VAL A 400 13.56 27.97 -3.72
N LEU A 401 14.59 28.63 -3.21
CA LEU A 401 14.94 29.98 -3.64
C LEU A 401 16.37 29.96 -4.16
N LYS A 402 16.53 30.34 -5.43
CA LYS A 402 17.83 30.59 -6.03
C LYS A 402 17.99 32.09 -6.17
N ASP A 403 19.08 32.62 -5.63
CA ASP A 403 19.33 34.08 -5.61
C ASP A 403 18.10 34.86 -5.10
N GLY A 404 17.52 34.38 -4.01
CA GLY A 404 16.35 35.02 -3.40
C GLY A 404 15.04 34.90 -4.18
N ALA A 405 15.04 34.15 -5.27
CA ALA A 405 13.86 34.07 -6.16
C ALA A 405 13.41 32.63 -6.37
N ARG A 406 12.13 32.43 -6.72
CA ARG A 406 11.65 31.11 -7.13
C ARG A 406 12.39 30.73 -8.42
N PRO A 407 12.91 29.50 -8.50
CA PRO A 407 13.61 29.19 -9.73
C PRO A 407 12.64 28.97 -10.87
N ASP A 408 13.10 29.29 -12.08
CA ASP A 408 12.38 28.96 -13.27
C ASP A 408 12.51 27.45 -13.41
N VAL A 409 11.70 26.87 -14.27
CA VAL A 409 11.79 25.43 -14.48
C VAL A 409 11.58 25.19 -15.96
N THR A 410 12.30 24.23 -16.51
CA THR A 410 12.14 23.84 -17.90
C THR A 410 11.45 22.49 -17.96
N GLU A 411 10.87 22.18 -19.12
CA GLU A 411 10.26 20.87 -19.35
C GLU A 411 11.25 19.74 -19.13
N SER A 412 12.50 19.95 -19.55
CA SER A 412 13.54 18.96 -19.37
C SER A 412 13.78 18.67 -17.88
N GLU A 413 13.88 19.74 -17.08
CA GLU A 413 14.04 19.62 -15.64
C GLU A 413 12.83 18.95 -15.00
N SER A 414 11.65 19.46 -15.32
CA SER A 414 10.42 19.02 -14.68
C SER A 414 10.06 17.54 -14.94
N GLY A 415 10.58 17.01 -16.03
CA GLY A 415 10.28 15.64 -16.45
C GLY A 415 11.26 14.61 -15.91
N SER A 416 12.29 15.06 -15.19
CA SER A 416 13.32 14.18 -14.67
C SER A 416 12.81 13.31 -13.50
N PRO A 417 13.22 12.03 -13.43
CA PRO A 417 12.81 11.17 -12.31
C PRO A 417 13.27 11.70 -10.94
N GLU A 418 14.27 12.58 -10.93
CA GLU A 418 14.76 13.16 -9.70
C GLU A 418 14.15 14.51 -9.37
N TYR A 419 13.35 15.06 -10.29
CA TYR A 419 12.81 16.39 -10.09
C TYR A 419 11.89 16.48 -8.88
N ARG A 420 12.11 17.50 -8.05
CA ARG A 420 11.20 17.77 -6.94
C ARG A 420 10.28 18.92 -7.33
N GLN A 421 8.99 18.64 -7.40
CA GLN A 421 8.03 19.72 -7.64
C GLN A 421 8.08 20.75 -6.50
N GLN A 422 7.91 22.01 -6.88
CA GLN A 422 7.92 23.09 -5.91
C GLN A 422 6.74 23.01 -4.93
N SER A 423 6.92 23.66 -3.79
CA SER A 423 5.89 23.69 -2.78
C SER A 423 5.84 25.11 -2.22
N ALA A 424 4.83 25.37 -1.40
CA ALA A 424 4.67 26.67 -0.73
C ALA A 424 5.61 26.84 0.45
N VAL A 425 6.01 25.71 1.05
CA VAL A 425 6.66 25.70 2.37
C VAL A 425 7.77 24.63 2.39
N PRO A 426 9.03 25.05 2.68
CA PRO A 426 10.11 24.05 2.68
C PRO A 426 10.01 23.14 3.90
N LEU A 427 9.99 21.83 3.65
CA LEU A 427 10.09 20.84 4.70
C LEU A 427 10.98 19.76 4.16
N ASP A 428 11.74 19.11 5.04
CA ASP A 428 12.55 17.97 4.62
C ASP A 428 11.72 16.90 3.93
N GLU A 429 10.51 16.67 4.45
CA GLU A 429 9.57 15.75 3.82
C GLU A 429 8.25 16.44 3.67
N GLU A 430 7.67 16.26 2.49
CA GLU A 430 6.31 16.71 2.24
C GLU A 430 5.39 15.96 3.20
N THR A 431 4.25 16.56 3.53
CA THR A 431 3.35 15.95 4.51
C THR A 431 2.23 15.15 3.86
N HIS A 432 1.74 14.17 4.61
CA HIS A 432 0.44 13.59 4.33
C HIS A 432 -0.62 14.70 4.26
N ALA A 433 -1.74 14.36 3.64
CA ALA A 433 -2.90 15.22 3.63
C ALA A 433 -4.08 14.49 4.23
N GLY A 434 -5.05 15.25 4.74
CA GLY A 434 -6.12 14.68 5.54
C GLY A 434 -7.43 14.48 4.83
N GLU A 435 -7.50 14.79 3.53
CA GLU A 435 -8.78 14.67 2.83
C GLU A 435 -9.16 13.19 2.59
N ASP A 436 -10.44 12.95 2.36
CA ASP A 436 -10.93 11.58 2.16
C ASP A 436 -10.19 10.91 1.03
N VAL A 437 -10.03 9.61 1.16
CA VAL A 437 -9.45 8.83 0.08
C VAL A 437 -10.51 7.90 -0.46
N ALA A 438 -10.27 7.38 -1.64
CA ALA A 438 -11.21 6.47 -2.28
C ALA A 438 -11.06 5.07 -1.75
N VAL A 439 -12.17 4.35 -1.75
CA VAL A 439 -12.15 2.91 -1.60
C VAL A 439 -12.81 2.36 -2.85
N PHE A 440 -12.16 1.39 -3.50
CA PHE A 440 -12.71 0.72 -4.66
C PHE A 440 -12.96 -0.71 -4.21
N ALA A 441 -14.08 -1.31 -4.62
CA ALA A 441 -14.39 -2.66 -4.19
C ALA A 441 -15.04 -3.48 -5.29
N ARG A 442 -14.69 -4.77 -5.32
CA ARG A 442 -15.36 -5.73 -6.18
C ARG A 442 -15.39 -7.11 -5.52
N GLY A 443 -16.36 -7.92 -5.91
CA GLY A 443 -16.51 -9.25 -5.37
C GLY A 443 -17.65 -9.35 -4.38
N PRO A 444 -17.75 -10.49 -3.68
CA PRO A 444 -18.88 -10.73 -2.80
C PRO A 444 -18.97 -9.69 -1.69
N GLN A 445 -20.14 -9.04 -1.58
CA GLN A 445 -20.41 -8.03 -0.57
C GLN A 445 -19.75 -6.67 -0.85
N ALA A 446 -19.10 -6.54 -2.01
CA ALA A 446 -18.47 -5.27 -2.39
C ALA A 446 -19.48 -4.11 -2.47
N HIS A 447 -20.74 -4.44 -2.79
CA HIS A 447 -21.81 -3.44 -2.87
C HIS A 447 -22.04 -2.75 -1.50
N LEU A 448 -21.54 -3.36 -0.42
CA LEU A 448 -21.62 -2.73 0.91
C LEU A 448 -20.67 -1.54 1.07
N VAL A 449 -19.63 -1.51 0.24
CA VAL A 449 -18.70 -0.38 0.21
C VAL A 449 -19.40 0.75 -0.57
N HIS A 450 -19.90 1.75 0.16
CA HIS A 450 -20.66 2.82 -0.48
C HIS A 450 -20.60 4.09 0.36
N GLY A 451 -20.92 5.22 -0.27
CA GLY A 451 -21.13 6.47 0.43
C GLY A 451 -19.84 7.00 1.03
N VAL A 452 -19.97 7.67 2.16
CA VAL A 452 -18.82 8.21 2.90
C VAL A 452 -18.77 7.44 4.20
N GLN A 453 -17.63 6.76 4.41
CA GLN A 453 -17.45 5.88 5.55
C GLN A 453 -16.20 6.22 6.34
N GLU A 454 -16.22 5.87 7.61
CA GLU A 454 -14.99 5.83 8.40
C GLU A 454 -14.06 4.80 7.79
N GLN A 455 -12.76 5.06 7.87
CA GLN A 455 -11.75 4.13 7.34
C GLN A 455 -11.86 2.72 7.95
N THR A 456 -12.42 2.64 9.14
CA THR A 456 -12.58 1.36 9.84
C THR A 456 -13.51 0.44 9.08
N PHE A 457 -14.43 1.01 8.29
CA PHE A 457 -15.37 0.22 7.50
C PHE A 457 -14.67 -0.80 6.62
N ILE A 458 -13.48 -0.45 6.14
CA ILE A 458 -12.71 -1.34 5.27
C ILE A 458 -12.48 -2.70 5.94
N ALA A 459 -11.97 -2.67 7.16
CA ALA A 459 -11.75 -3.91 7.90
C ALA A 459 -13.06 -4.65 8.11
N HIS A 460 -14.11 -3.91 8.52
CA HIS A 460 -15.36 -4.56 8.91
C HIS A 460 -16.08 -5.22 7.75
N VAL A 461 -16.11 -4.56 6.60
CA VAL A 461 -16.79 -5.15 5.44
C VAL A 461 -16.04 -6.43 4.99
N MET A 462 -14.72 -6.41 5.11
CA MET A 462 -13.93 -7.60 4.78
C MET A 462 -14.23 -8.75 5.75
N ALA A 463 -14.25 -8.46 7.05
CA ALA A 463 -14.58 -9.49 8.03
C ALA A 463 -15.99 -10.00 7.78
N PHE A 464 -16.92 -9.08 7.53
CA PHE A 464 -18.29 -9.45 7.26
C PHE A 464 -18.41 -10.37 6.03
N ALA A 465 -17.78 -9.96 4.94
CA ALA A 465 -17.89 -10.70 3.69
C ALA A 465 -17.40 -12.13 3.80
N ALA A 466 -16.35 -12.36 4.58
CA ALA A 466 -15.80 -13.70 4.77
C ALA A 466 -16.36 -14.39 6.02
N CYS A 467 -17.37 -13.79 6.65
CA CYS A 467 -18.00 -14.33 7.87
C CYS A 467 -17.02 -14.60 8.98
N LEU A 468 -16.09 -13.68 9.16
CA LEU A 468 -15.10 -13.77 10.22
C LEU A 468 -15.62 -12.99 11.40
N GLU A 469 -15.13 -13.32 12.59
CA GLU A 469 -15.38 -12.52 13.79
C GLU A 469 -15.23 -11.05 13.46
N PRO A 470 -16.14 -10.18 13.96
CA PRO A 470 -17.31 -10.49 14.78
C PRO A 470 -18.57 -10.85 13.98
N TYR A 471 -18.42 -11.24 12.73
CA TYR A 471 -19.57 -11.46 11.86
C TYR A 471 -19.71 -12.93 11.43
N THR A 472 -19.45 -13.84 12.35
CA THR A 472 -19.60 -15.27 12.00
C THR A 472 -21.06 -15.60 11.69
N ALA A 473 -21.99 -14.81 12.24
CA ALA A 473 -23.42 -14.94 11.91
C ALA A 473 -23.78 -13.97 10.79
N CYS A 474 -22.96 -13.97 9.74
CA CYS A 474 -23.10 -13.07 8.60
C CYS A 474 -24.39 -13.33 7.83
N ASP A 475 -24.93 -14.55 7.95
CA ASP A 475 -26.14 -14.94 7.22
C ASP A 475 -25.98 -14.94 5.71
N LEU A 476 -24.75 -15.14 5.25
CA LEU A 476 -24.48 -15.25 3.83
C LEU A 476 -24.41 -16.72 3.45
N ALA A 477 -24.75 -17.03 2.21
CA ALA A 477 -24.59 -18.37 1.67
C ALA A 477 -23.09 -18.64 1.46
N PRO A 478 -22.70 -19.92 1.33
CA PRO A 478 -21.28 -20.23 1.10
C PRO A 478 -20.76 -19.54 -0.14
N PRO A 479 -19.44 -19.30 -0.22
CA PRO A 479 -18.89 -18.65 -1.41
C PRO A 479 -19.31 -19.40 -2.66
N ALA A 480 -19.63 -18.62 -3.68
CA ALA A 480 -19.91 -19.14 -5.01
C ALA A 480 -18.72 -19.95 -5.52
N GLY A 481 -19.02 -21.00 -6.27
CA GLY A 481 -17.99 -21.67 -7.05
C GLY A 481 -17.44 -20.70 -8.09
C1 NAG B . 4.21 4.64 31.82
C2 NAG B . 3.21 4.91 32.97
C3 NAG B . 3.37 6.30 33.58
C4 NAG B . 4.85 6.66 33.82
C5 NAG B . 5.76 6.23 32.67
C6 NAG B . 7.21 6.28 33.15
C7 NAG B . 1.17 3.58 32.93
C8 NAG B . -0.14 3.30 32.24
N2 NAG B . 1.83 4.68 32.55
O3 NAG B . 2.65 6.38 34.80
O4 NAG B . 4.99 8.06 33.97
O5 NAG B . 5.52 4.90 32.29
O6 NAG B . 7.85 7.29 32.40
O7 NAG B . 1.57 2.79 33.79
C1 NAG B . 5.39 8.38 35.32
C2 NAG B . 6.27 9.63 35.26
C3 NAG B . 6.52 10.26 36.62
C4 NAG B . 5.21 10.41 37.38
C5 NAG B . 4.50 9.04 37.46
C6 NAG B . 3.18 9.16 38.21
C7 NAG B . 8.00 9.91 33.54
C8 NAG B . 9.49 9.97 33.40
N2 NAG B . 7.53 9.29 34.63
O3 NAG B . 7.13 11.52 36.46
O4 NAG B . 5.46 10.95 38.66
O5 NAG B . 4.25 8.51 36.17
O6 NAG B . 2.20 9.70 37.36
O7 NAG B . 7.26 10.38 32.64
C1 NAG C . 19.56 -15.86 -4.97
C2 NAG C . 20.95 -15.72 -5.58
C3 NAG C . 21.73 -17.03 -5.64
C4 NAG C . 21.70 -17.74 -4.29
C5 NAG C . 20.25 -17.83 -3.81
C6 NAG C . 20.12 -18.51 -2.47
C7 NAG C . 21.64 -13.99 -7.11
C8 NAG C . 21.57 -13.37 -8.47
N2 NAG C . 20.90 -15.07 -6.88
O3 NAG C . 23.07 -16.76 -6.02
O4 NAG C . 22.20 -19.05 -4.43
O5 NAG C . 19.73 -16.51 -3.71
O6 NAG C . 20.88 -17.82 -1.51
O7 NAG C . 22.39 -13.50 -6.26
C1 NAG C . 23.48 -19.19 -3.77
C2 NAG C . 23.69 -20.69 -3.59
C3 NAG C . 25.12 -21.07 -3.20
C4 NAG C . 26.14 -20.30 -4.05
C5 NAG C . 25.83 -18.80 -4.01
C6 NAG C . 26.80 -18.02 -4.89
C7 NAG C . 21.66 -21.87 -3.13
C8 NAG C . 20.68 -22.43 -2.13
N2 NAG C . 22.73 -21.24 -2.65
O3 NAG C . 25.26 -22.44 -3.45
O4 NAG C . 27.46 -20.55 -3.62
O5 NAG C . 24.53 -18.59 -4.53
O6 NAG C . 26.55 -18.39 -6.23
O7 NAG C . 21.46 -22.00 -4.34
N PHE D . 5.17 8.42 6.39
CA PHE D . 6.55 8.93 6.23
C PHE D . 7.55 7.79 6.18
O PHE D . 8.21 7.62 5.17
CB PHE D . 6.96 10.02 7.26
CG PHE D . 6.01 10.21 8.44
CD1 PHE D . 4.72 9.75 8.41
CD2 PHE D . 6.44 10.93 9.55
CE1 PHE D . 3.86 9.95 9.48
CE2 PHE D . 5.59 11.14 10.63
CZ PHE D . 4.30 10.65 10.59
OXT PHE D . 7.68 7.01 7.12
N PHE E . 4.02 -12.20 -12.40
CA PHE E . 5.47 -12.50 -12.20
C PHE E . 6.35 -12.09 -13.42
O PHE E . 7.52 -12.46 -13.52
CB PHE E . 5.69 -13.97 -11.82
CG PHE E . 6.70 -14.17 -10.74
CD1 PHE E . 6.35 -14.81 -9.57
CD2 PHE E . 8.00 -13.69 -10.89
CE1 PHE E . 7.28 -15.00 -8.56
CE2 PHE E . 8.92 -13.86 -9.88
CZ PHE E . 8.56 -14.52 -8.72
OXT PHE E . 5.91 -11.35 -14.30
ZN ZN F . 4.02 8.80 4.60
ZN ZN G . 0.96 6.18 4.63
MG MG H . 2.94 1.97 4.12
CA CA I . 17.35 -6.89 -3.58
C ACT J . 5.35 28.12 -20.20
O ACT J . 6.00 28.18 -19.14
OXT ACT J . 5.18 26.97 -20.67
CH3 ACT J . 4.81 29.34 -20.88
C ACT K . 12.85 -1.71 -13.78
O ACT K . 13.40 -2.79 -13.46
OXT ACT K . 13.48 -0.66 -13.50
CH3 ACT K . 11.52 -1.67 -14.45
C ACT L . 19.07 -17.75 7.21
O ACT L . 19.80 -17.09 7.99
OXT ACT L . 18.20 -18.47 7.76
CH3 ACT L . 19.23 -17.70 5.72
C1 GOL M . 19.73 -1.13 0.00
O1 GOL M . 18.47 -0.84 -0.58
C2 GOL M . 20.74 -0.03 -0.28
O2 GOL M . 20.38 0.68 -1.44
C3 GOL M . 22.15 -0.61 -0.43
O3 GOL M . 22.85 0.04 -1.47
C1 GOL N . 30.74 -7.99 9.18
O1 GOL N . 30.43 -6.63 8.98
C2 GOL N . 31.81 -8.48 8.19
O2 GOL N . 31.61 -7.92 6.91
C3 GOL N . 31.78 -10.00 8.03
O3 GOL N . 31.88 -10.66 9.27
#